data_5IIJ
#
_entry.id   5IIJ
#
_cell.length_a   55.749
_cell.length_b   62.850
_cell.length_c   140.076
_cell.angle_alpha   90.00
_cell.angle_beta   90.00
_cell.angle_gamma   90.00
#
_symmetry.space_group_name_H-M   'P 21 21 21'
#
loop_
_entity.id
_entity.type
_entity.pdbx_description
1 polymer 'DNA polymerase lambda'
2 polymer "DNA (5'-D(P*GP*CP*CP*G)-3')"
3 polymer "DNA (5'-D(*CP*AP*GP*TP*AP*(DOC))-3')"
4 polymer "DNA (5'-D(*CP*GP*GP*CP*(8OG)P*GP*TP*AP*CP*TP*G)-3')"
5 non-polymer "2',3'-DIDEOXYCYTIDINE 5'-TRIPHOSPHATE"
6 non-polymer 'MAGNESIUM ION'
7 non-polymer 'SODIUM ION'
8 water water
#
loop_
_entity_poly.entity_id
_entity_poly.type
_entity_poly.pdbx_seq_one_letter_code
_entity_poly.pdbx_strand_id
1 'polypeptide(L)'
;AQPSSQKATNHNLHITEKLEVLAKAYSVQGDKWRALGYAKAINALKSFHKPVTSYQEACSIPGIGKRMAEKIIEILESGH
LRKLDHISESVPVLELFSNIWGAGTKTAQMWYQQGFRSLEDIRSQASLTTQQAIGLKHYSDFLERMPREEATEIEQTVQK
AAQAFNSGLLCVACGSYRRGKATCGDVDVLITHPDGRSHRGIFSRLLDSLRQEGFLTDDLVSQEENGQQQKYLGVCRLPG
PGRRHRRLDIIVVPYSEFACALLYFTGSAHFNRSMRALAKTKGMSLSEHALSTAVVRNTHGCKVGPGRVLPTPTEKDVFR
LLGLPYREPAERDW
;
A
2 'polydeoxyribonucleotide' (DG)(DC)(DC)(DG) D
3 'polydeoxyribonucleotide' (DC)(DA)(DG)(DT)(DA)(DOC) P
4 'polydeoxyribonucleotide' (DC)(DG)(DG)(DC)(8OG)(DG)(DT)(DA)(DC)(DT)(DG) T
#
# COMPACT_ATOMS: atom_id res chain seq x y z
N HIS A 11 -6.11 -18.39 -10.28
CA HIS A 11 -6.70 -19.71 -10.06
C HIS A 11 -8.04 -19.65 -9.32
N ASN A 12 -8.01 -19.97 -8.03
CA ASN A 12 -9.19 -20.29 -7.24
C ASN A 12 -9.55 -19.25 -6.16
N LEU A 13 -10.79 -19.19 -5.64
CA LEU A 13 -11.99 -19.93 -6.10
C LEU A 13 -13.30 -19.19 -5.75
N HIS A 14 -14.10 -19.80 -4.89
CA HIS A 14 -15.38 -19.24 -4.46
C HIS A 14 -15.64 -19.46 -2.97
N ILE A 15 -14.72 -20.16 -2.30
CA ILE A 15 -14.73 -20.18 -0.84
C ILE A 15 -14.19 -18.85 -0.35
N THR A 16 -13.20 -18.35 -1.08
CA THR A 16 -12.55 -17.09 -0.75
C THR A 16 -13.51 -15.90 -0.84
N GLU A 17 -14.43 -15.94 -1.81
CA GLU A 17 -15.39 -14.86 -1.96
C GLU A 17 -16.20 -14.65 -0.68
N LYS A 18 -16.56 -15.73 -0.01
CA LYS A 18 -17.30 -15.65 1.24
C LYS A 18 -16.37 -15.18 2.36
N LEU A 19 -15.16 -15.72 2.37
CA LEU A 19 -14.19 -15.38 3.41
C LEU A 19 -13.78 -13.91 3.36
N GLU A 20 -13.76 -13.33 2.17
CA GLU A 20 -13.31 -11.95 2.04
C GLU A 20 -14.33 -10.99 2.62
N VAL A 21 -15.60 -11.34 2.52
CA VAL A 21 -16.65 -10.55 3.16
C VAL A 21 -16.42 -10.49 4.66
N LEU A 22 -16.14 -11.64 5.26
CA LEU A 22 -15.86 -11.73 6.68
C LEU A 22 -14.59 -10.96 7.03
N ALA A 23 -13.55 -11.12 6.21
CA ALA A 23 -12.28 -10.47 6.47
C ALA A 23 -12.43 -8.96 6.50
N LYS A 24 -13.17 -8.43 5.52
CA LYS A 24 -13.40 -6.98 5.43
C LYS A 24 -14.17 -6.48 6.64
N ALA A 25 -15.18 -7.24 7.06
CA ALA A 25 -15.96 -6.87 8.24
C ALA A 25 -15.05 -6.79 9.47
N TYR A 26 -14.15 -7.76 9.65
CA TYR A 26 -13.22 -7.70 10.76
C TYR A 26 -12.28 -6.50 10.64
N SER A 27 -11.80 -6.25 9.43
CA SER A 27 -10.84 -5.17 9.21
C SER A 27 -11.43 -3.79 9.55
N VAL A 28 -12.59 -3.46 8.99
CA VAL A 28 -13.16 -2.14 9.18
C VAL A 28 -13.62 -1.93 10.63
N GLN A 29 -13.90 -3.02 11.32
CA GLN A 29 -14.29 -2.96 12.73
C GLN A 29 -13.09 -2.96 13.67
N GLY A 30 -11.89 -3.04 13.11
CA GLY A 30 -10.68 -2.86 13.89
C GLY A 30 -10.01 -4.11 14.43
N ASP A 31 -10.57 -5.28 14.12
CA ASP A 31 -9.97 -6.55 14.55
C ASP A 31 -8.86 -6.92 13.58
N LYS A 32 -7.74 -6.20 13.67
CA LYS A 32 -6.74 -6.26 12.62
C LYS A 32 -6.02 -7.61 12.56
N TRP A 33 -5.80 -8.24 13.70
CA TRP A 33 -5.02 -9.49 13.67
C TRP A 33 -5.86 -10.63 13.13
N ARG A 34 -7.13 -10.68 13.53
CA ARG A 34 -8.04 -11.66 12.97
C ARG A 34 -8.17 -11.45 11.47
N ALA A 35 -8.30 -10.19 11.03
CA ALA A 35 -8.33 -9.87 9.61
C ALA A 35 -7.05 -10.36 8.92
N LEU A 36 -5.91 -10.18 9.57
CA LEU A 36 -4.65 -10.66 9.03
C LEU A 36 -4.69 -12.19 8.81
N GLY A 37 -5.24 -12.90 9.78
CA GLY A 37 -5.35 -14.34 9.69
C GLY A 37 -6.20 -14.73 8.50
N TYR A 38 -7.33 -14.05 8.32
CA TYR A 38 -8.19 -14.31 7.16
C TYR A 38 -7.44 -14.04 5.86
N ALA A 39 -6.70 -12.92 5.81
CA ALA A 39 -5.94 -12.56 4.63
C ALA A 39 -4.98 -13.66 4.24
N LYS A 40 -4.22 -14.17 5.21
CA LYS A 40 -3.25 -15.23 4.96
C LYS A 40 -3.94 -16.53 4.51
N ALA A 41 -5.09 -16.83 5.11
CA ALA A 41 -5.85 -18.02 4.73
C ALA A 41 -6.39 -17.88 3.32
N ILE A 42 -6.95 -16.70 3.03
CA ILE A 42 -7.51 -16.43 1.72
C ILE A 42 -6.44 -16.57 0.65
N ASN A 43 -5.22 -16.14 0.96
CA ASN A 43 -4.12 -16.26 -0.01
C ASN A 43 -3.66 -17.69 -0.21
N ALA A 44 -3.57 -18.44 0.89
CA ALA A 44 -3.25 -19.85 0.82
C ALA A 44 -4.27 -20.58 -0.05
N LEU A 45 -5.54 -20.23 0.12
CA LEU A 45 -6.62 -20.81 -0.67
C LEU A 45 -6.47 -20.42 -2.15
N LYS A 46 -6.13 -19.16 -2.41
CA LYS A 46 -6.00 -18.71 -3.79
C LYS A 46 -4.75 -19.27 -4.47
N SER A 47 -3.81 -19.76 -3.66
CA SER A 47 -2.55 -20.30 -4.18
C SER A 47 -2.62 -21.79 -4.50
N PHE A 48 -3.60 -22.46 -3.91
CA PHE A 48 -3.79 -23.89 -4.14
C PHE A 48 -4.32 -24.14 -5.56
N HIS A 49 -3.67 -25.05 -6.27
CA HIS A 49 -4.05 -25.37 -7.64
C HIS A 49 -5.43 -26.03 -7.72
N LYS A 50 -5.62 -27.01 -6.84
CA LYS A 50 -6.81 -27.87 -6.84
C LYS A 50 -7.87 -27.35 -5.88
N PRO A 51 -9.14 -27.38 -6.32
CA PRO A 51 -10.25 -27.06 -5.42
C PRO A 51 -10.23 -27.98 -4.20
N VAL A 52 -10.12 -27.40 -3.02
CA VAL A 52 -9.99 -28.17 -1.80
C VAL A 52 -11.28 -28.92 -1.48
N THR A 53 -11.15 -30.20 -1.11
CA THR A 53 -12.32 -31.05 -0.91
C THR A 53 -12.42 -31.60 0.51
N SER A 54 -11.31 -32.05 1.06
CA SER A 54 -11.32 -32.70 2.38
C SER A 54 -11.05 -31.71 3.51
N TYR A 55 -11.71 -31.94 4.64
CA TYR A 55 -11.45 -31.16 5.85
C TYR A 55 -9.98 -31.29 6.22
N GLN A 56 -9.48 -32.53 6.21
CA GLN A 56 -8.09 -32.82 6.51
C GLN A 56 -7.17 -32.14 5.49
N GLU A 57 -7.61 -32.13 4.23
CA GLU A 57 -6.87 -31.43 3.18
C GLU A 57 -6.80 -29.94 3.51
N ALA A 58 -7.96 -29.32 3.66
CA ALA A 58 -8.03 -27.93 4.09
C ALA A 58 -7.69 -27.83 5.56
N CYS A 59 -6.46 -28.19 5.90
CA CYS A 59 -6.01 -28.26 7.29
C CYS A 59 -4.52 -28.50 7.24
N SER A 60 -4.11 -29.23 6.21
CA SER A 60 -2.70 -29.47 5.94
C SER A 60 -2.06 -28.21 5.37
N ILE A 61 -2.90 -27.31 4.87
CA ILE A 61 -2.44 -26.08 4.24
C ILE A 61 -1.94 -25.10 5.30
N PRO A 62 -0.71 -24.58 5.13
CA PRO A 62 -0.21 -23.54 6.02
C PRO A 62 -1.04 -22.27 5.87
N GLY A 63 -1.51 -21.72 6.98
CA GLY A 63 -2.40 -20.57 6.93
C GLY A 63 -3.85 -20.98 7.16
N ILE A 64 -4.10 -22.29 7.17
CA ILE A 64 -5.42 -22.84 7.45
C ILE A 64 -5.40 -23.69 8.72
N GLY A 65 -6.24 -23.36 9.69
CA GLY A 65 -6.31 -24.11 10.93
C GLY A 65 -7.66 -24.74 11.14
N LYS A 66 -7.95 -25.13 12.38
CA LYS A 66 -9.19 -25.82 12.71
C LYS A 66 -10.42 -24.99 12.35
N ARG A 67 -10.38 -23.69 12.63
CA ARG A 67 -11.53 -22.83 12.42
C ARG A 67 -11.76 -22.49 10.95
N MET A 68 -10.68 -22.22 10.22
CA MET A 68 -10.78 -21.89 8.81
C MET A 68 -11.21 -23.12 8.02
N ALA A 69 -10.81 -24.29 8.51
CA ALA A 69 -11.19 -25.56 7.91
C ALA A 69 -12.69 -25.79 8.00
N GLU A 70 -13.22 -25.61 9.20
CA GLU A 70 -14.64 -25.78 9.44
C GLU A 70 -15.48 -24.89 8.54
N LYS A 71 -15.06 -23.64 8.39
CA LYS A 71 -15.78 -22.70 7.53
C LYS A 71 -15.75 -23.20 6.08
N ILE A 72 -14.60 -23.70 5.66
CA ILE A 72 -14.47 -24.29 4.34
C ILE A 72 -15.41 -25.48 4.17
N ILE A 73 -15.48 -26.34 5.18
CA ILE A 73 -16.35 -27.51 5.11
C ILE A 73 -17.82 -27.13 5.00
N GLU A 74 -18.21 -26.07 5.70
CA GLU A 74 -19.59 -25.58 5.66
C GLU A 74 -19.94 -24.99 4.30
N ILE A 75 -18.97 -24.36 3.66
CA ILE A 75 -19.18 -23.77 2.34
C ILE A 75 -19.26 -24.88 1.28
N LEU A 76 -18.49 -25.95 1.48
CA LEU A 76 -18.54 -27.09 0.58
C LEU A 76 -19.86 -27.85 0.72
N GLU A 77 -20.23 -28.18 1.95
CA GLU A 77 -21.46 -28.92 2.21
C GLU A 77 -22.71 -28.10 1.91
N SER A 78 -22.80 -26.90 2.49
CA SER A 78 -24.03 -26.11 2.45
C SER A 78 -24.10 -25.08 1.31
N GLY A 79 -22.96 -24.71 0.75
CA GLY A 79 -22.92 -23.66 -0.26
C GLY A 79 -23.06 -22.27 0.34
N HIS A 80 -22.94 -22.19 1.67
CA HIS A 80 -23.11 -20.92 2.37
C HIS A 80 -22.27 -20.89 3.66
N LEU A 81 -22.00 -19.69 4.15
CA LEU A 81 -21.36 -19.50 5.44
C LEU A 81 -22.31 -18.73 6.34
N ARG A 82 -22.82 -19.41 7.38
CA ARG A 82 -23.86 -18.84 8.23
C ARG A 82 -23.45 -17.53 8.91
N LYS A 83 -22.16 -17.37 9.16
CA LYS A 83 -21.65 -16.18 9.82
C LYS A 83 -21.89 -14.92 9.00
N LEU A 84 -21.97 -15.07 7.68
CA LEU A 84 -22.21 -13.94 6.80
C LEU A 84 -23.58 -13.31 7.04
N ASP A 85 -24.48 -14.08 7.64
CA ASP A 85 -25.82 -13.60 7.95
C ASP A 85 -25.86 -12.76 9.22
N HIS A 86 -24.75 -12.72 9.95
CA HIS A 86 -24.74 -12.01 11.22
C HIS A 86 -23.61 -10.99 11.29
N ILE A 87 -23.27 -10.41 10.15
CA ILE A 87 -22.28 -9.33 10.11
C ILE A 87 -22.97 -8.07 10.58
N SER A 88 -22.27 -7.29 11.41
CA SER A 88 -22.84 -6.07 11.95
C SER A 88 -23.35 -5.16 10.84
N GLU A 89 -24.50 -4.55 11.07
CA GLU A 89 -25.09 -3.62 10.10
C GLU A 89 -24.21 -2.38 9.91
N SER A 90 -23.29 -2.17 10.84
CA SER A 90 -22.40 -1.00 10.80
C SER A 90 -21.34 -1.08 9.70
N VAL A 91 -21.07 -2.29 9.21
CA VAL A 91 -19.90 -2.50 8.35
C VAL A 91 -19.88 -1.68 7.05
N PRO A 92 -21.00 -1.64 6.30
CA PRO A 92 -20.97 -0.81 5.08
C PRO A 92 -20.68 0.68 5.37
N VAL A 93 -21.23 1.22 6.46
CA VAL A 93 -20.95 2.62 6.80
C VAL A 93 -19.49 2.78 7.29
N LEU A 94 -19.01 1.85 8.11
CA LEU A 94 -17.61 1.88 8.50
C LEU A 94 -16.68 1.84 7.28
N GLU A 95 -17.01 1.02 6.30
CA GLU A 95 -16.24 0.98 5.06
C GLU A 95 -16.33 2.29 4.30
N LEU A 96 -17.53 2.86 4.19
CA LEU A 96 -17.71 4.18 3.56
C LEU A 96 -16.80 5.23 4.21
N PHE A 97 -16.82 5.28 5.54
CA PHE A 97 -16.05 6.29 6.27
C PHE A 97 -14.53 6.04 6.19
N SER A 98 -14.10 4.79 6.31
CA SER A 98 -12.66 4.54 6.36
C SER A 98 -12.03 4.66 4.97
N ASN A 99 -12.85 4.79 3.93
CA ASN A 99 -12.34 5.07 2.59
C ASN A 99 -12.07 6.55 2.35
N ILE A 100 -12.30 7.37 3.38
CA ILE A 100 -11.81 8.73 3.39
C ILE A 100 -10.33 8.70 3.71
N TRP A 101 -9.49 9.25 2.84
CA TRP A 101 -8.05 9.26 3.13
C TRP A 101 -7.77 10.03 4.42
N GLY A 102 -7.10 9.39 5.38
CA GLY A 102 -6.74 10.06 6.62
C GLY A 102 -7.63 9.62 7.77
N ALA A 103 -8.70 8.90 7.43
CA ALA A 103 -9.56 8.27 8.42
C ALA A 103 -9.37 6.77 8.36
N GLY A 104 -9.21 6.17 9.53
CA GLY A 104 -9.10 4.71 9.64
C GLY A 104 -10.22 4.18 10.52
N THR A 105 -10.02 2.97 11.05
CA THR A 105 -11.09 2.30 11.77
C THR A 105 -11.51 3.06 13.02
N LYS A 106 -10.56 3.69 13.73
CA LYS A 106 -10.87 4.33 15.00
C LYS A 106 -11.78 5.51 14.76
N THR A 107 -11.44 6.30 13.75
CA THR A 107 -12.22 7.48 13.41
C THR A 107 -13.57 7.07 12.85
N ALA A 108 -13.57 6.05 11.99
CA ALA A 108 -14.82 5.57 11.41
C ALA A 108 -15.77 5.08 12.52
N GLN A 109 -15.25 4.35 13.49
CA GLN A 109 -16.07 3.83 14.60
C GLN A 109 -16.61 4.96 15.47
N MET A 110 -15.80 5.99 15.69
CA MET A 110 -16.26 7.13 16.48
C MET A 110 -17.39 7.86 15.76
N TRP A 111 -17.21 8.10 14.46
CA TRP A 111 -18.26 8.77 13.69
C TRP A 111 -19.57 7.99 13.71
N TYR A 112 -19.45 6.67 13.65
CA TYR A 112 -20.61 5.79 13.67
C TYR A 112 -21.32 5.85 15.02
N GLN A 113 -20.54 5.80 16.09
CA GLN A 113 -21.07 5.94 17.44
C GLN A 113 -21.79 7.29 17.57
N GLN A 114 -21.28 8.32 16.90
CA GLN A 114 -21.87 9.65 17.00
C GLN A 114 -23.13 9.81 16.14
N GLY A 115 -23.52 8.74 15.45
CA GLY A 115 -24.77 8.72 14.70
C GLY A 115 -24.66 9.03 13.22
N PHE A 116 -23.43 9.24 12.73
CA PHE A 116 -23.23 9.58 11.33
C PHE A 116 -23.36 8.33 10.47
N ARG A 117 -24.01 8.47 9.32
CA ARG A 117 -24.33 7.32 8.47
C ARG A 117 -23.95 7.54 7.01
N SER A 118 -23.65 8.77 6.63
CA SER A 118 -23.41 9.09 5.22
C SER A 118 -22.31 10.12 5.12
N LEU A 119 -21.77 10.30 3.92
CA LEU A 119 -20.74 11.32 3.73
C LEU A 119 -21.33 12.72 3.88
N GLU A 120 -22.64 12.85 3.65
CA GLU A 120 -23.29 14.12 3.90
C GLU A 120 -23.27 14.44 5.40
N ASP A 121 -23.53 13.43 6.23
CA ASP A 121 -23.38 13.58 7.68
C ASP A 121 -21.97 14.04 8.05
N ILE A 122 -20.97 13.40 7.46
CA ILE A 122 -19.57 13.75 7.73
C ILE A 122 -19.27 15.19 7.31
N ARG A 123 -19.66 15.53 6.08
CA ARG A 123 -19.45 16.88 5.54
C ARG A 123 -20.04 17.96 6.44
N SER A 124 -21.26 17.75 6.88
CA SER A 124 -22.00 18.81 7.56
C SER A 124 -21.81 18.81 9.07
N GLN A 125 -21.45 17.67 9.68
CA GLN A 125 -21.45 17.56 11.14
C GLN A 125 -20.16 17.05 11.80
N ALA A 126 -19.34 16.31 11.07
CA ALA A 126 -18.13 15.75 11.68
C ALA A 126 -17.00 16.77 11.75
N SER A 127 -16.12 16.64 12.74
CA SER A 127 -14.92 17.45 12.71
C SER A 127 -13.90 16.65 11.93
N LEU A 128 -13.25 17.31 10.98
CA LEU A 128 -12.34 16.62 10.08
C LEU A 128 -10.95 17.15 10.31
N THR A 129 -9.96 16.27 10.27
CA THR A 129 -8.59 16.73 10.21
C THR A 129 -8.37 17.38 8.85
N THR A 130 -7.30 18.16 8.72
CA THR A 130 -6.95 18.76 7.44
C THR A 130 -6.84 17.69 6.34
N GLN A 131 -6.18 16.58 6.67
CA GLN A 131 -6.04 15.47 5.74
C GLN A 131 -7.40 14.92 5.30
N GLN A 132 -8.28 14.69 6.27
CA GLN A 132 -9.57 14.09 6.01
C GLN A 132 -10.47 14.97 5.16
N ALA A 133 -10.36 16.29 5.33
CA ALA A 133 -11.12 17.22 4.50
C ALA A 133 -10.69 17.12 3.05
N ILE A 134 -9.39 16.92 2.83
CA ILE A 134 -8.87 16.71 1.48
C ILE A 134 -9.33 15.36 0.92
N GLY A 135 -9.24 14.31 1.74
CA GLY A 135 -9.72 12.98 1.35
C GLY A 135 -11.19 13.04 0.97
N LEU A 136 -11.98 13.78 1.73
CA LEU A 136 -13.42 13.83 1.46
C LEU A 136 -13.73 14.55 0.16
N LYS A 137 -13.06 15.68 -0.07
CA LYS A 137 -13.37 16.46 -1.26
C LYS A 137 -12.89 15.73 -2.52
N HIS A 138 -11.98 14.76 -2.37
CA HIS A 138 -11.58 13.95 -3.51
C HIS A 138 -12.05 12.50 -3.39
N TYR A 139 -13.19 12.28 -2.73
CA TYR A 139 -13.56 10.91 -2.32
C TYR A 139 -13.61 9.92 -3.48
N SER A 140 -14.36 10.28 -4.52
CA SER A 140 -14.48 9.41 -5.67
C SER A 140 -13.15 9.25 -6.40
N ASP A 141 -12.48 10.37 -6.65
CA ASP A 141 -11.21 10.34 -7.39
C ASP A 141 -10.19 9.41 -6.72
N PHE A 142 -10.10 9.47 -5.40
CA PHE A 142 -9.09 8.66 -4.70
C PHE A 142 -9.44 7.17 -4.69
N LEU A 143 -10.67 6.82 -5.02
CA LEU A 143 -11.03 5.41 -5.16
C LEU A 143 -10.87 4.89 -6.60
N GLU A 144 -10.58 5.80 -7.53
CA GLU A 144 -10.35 5.43 -8.92
C GLU A 144 -8.92 4.93 -9.09
N ARG A 145 -8.70 4.06 -10.06
CA ARG A 145 -7.34 3.78 -10.51
C ARG A 145 -7.16 4.49 -11.84
N MET A 146 -5.94 4.89 -12.15
CA MET A 146 -5.67 5.57 -13.42
C MET A 146 -5.00 4.61 -14.39
N PRO A 147 -5.09 4.89 -15.71
CA PRO A 147 -4.34 4.04 -16.64
C PRO A 147 -2.85 4.22 -16.42
N ARG A 148 -2.03 3.21 -16.65
CA ARG A 148 -0.61 3.37 -16.33
C ARG A 148 0.01 4.42 -17.24
N GLU A 149 -0.62 4.69 -18.39
CA GLU A 149 -0.16 5.78 -19.25
C GLU A 149 -0.20 7.12 -18.50
N GLU A 150 -1.22 7.32 -17.67
CA GLU A 150 -1.33 8.56 -16.91
C GLU A 150 -0.26 8.61 -15.83
N ALA A 151 0.00 7.47 -15.19
CA ALA A 151 1.07 7.40 -14.19
C ALA A 151 2.42 7.76 -14.83
N THR A 152 2.63 7.35 -16.07
CA THR A 152 3.85 7.75 -16.78
C THR A 152 3.97 9.27 -16.89
N GLU A 153 2.88 9.92 -17.30
CA GLU A 153 2.87 11.38 -17.43
C GLU A 153 3.18 12.07 -16.11
N ILE A 154 2.65 11.51 -15.03
CA ILE A 154 2.82 12.12 -13.73
C ILE A 154 4.27 11.94 -13.27
N GLU A 155 4.82 10.76 -13.48
CA GLU A 155 6.21 10.52 -13.09
C GLU A 155 7.15 11.42 -13.89
N GLN A 156 6.89 11.54 -15.20
CA GLN A 156 7.67 12.42 -16.05
C GLN A 156 7.60 13.89 -15.61
N THR A 157 6.45 14.31 -15.11
CA THR A 157 6.30 15.67 -14.60
C THR A 157 7.23 15.87 -13.41
N VAL A 158 7.27 14.87 -12.53
CA VAL A 158 8.11 14.94 -11.34
C VAL A 158 9.57 14.88 -11.75
N GLN A 159 9.90 13.98 -12.66
CA GLN A 159 11.29 13.84 -13.11
C GLN A 159 11.81 15.12 -13.79
N LYS A 160 10.99 15.73 -14.66
CA LYS A 160 11.41 16.95 -15.33
C LYS A 160 11.68 18.09 -14.36
N ALA A 161 10.81 18.24 -13.36
CA ALA A 161 11.00 19.28 -12.35
C ALA A 161 12.26 19.03 -11.53
N ALA A 162 12.52 17.77 -11.21
CA ALA A 162 13.70 17.39 -10.45
C ALA A 162 14.99 17.58 -11.24
N GLN A 163 14.99 17.11 -12.49
CA GLN A 163 16.23 17.14 -13.28
C GLN A 163 16.54 18.53 -13.76
N ALA A 164 15.56 19.41 -13.67
CA ALA A 164 15.73 20.81 -14.07
C ALA A 164 16.70 21.56 -13.16
N PHE A 165 16.84 21.16 -11.90
CA PHE A 165 17.82 21.82 -11.03
C PHE A 165 18.97 20.90 -10.61
N ASN A 166 18.84 19.61 -10.89
CA ASN A 166 19.97 18.68 -10.81
C ASN A 166 19.73 17.50 -11.74
N SER A 167 20.37 17.52 -12.90
CA SER A 167 20.09 16.54 -13.95
C SER A 167 20.57 15.15 -13.59
N GLY A 168 21.37 15.05 -12.53
CA GLY A 168 21.87 13.76 -12.08
C GLY A 168 20.89 13.02 -11.19
N LEU A 169 19.82 13.70 -10.79
CA LEU A 169 18.80 13.06 -9.96
C LEU A 169 18.14 11.90 -10.69
N LEU A 170 18.12 10.75 -10.03
CA LEU A 170 17.52 9.54 -10.57
C LEU A 170 16.08 9.43 -10.06
N CYS A 171 15.13 9.39 -10.98
CA CYS A 171 13.72 9.31 -10.63
C CYS A 171 13.10 8.02 -11.18
N VAL A 172 12.52 7.20 -10.31
CA VAL A 172 11.95 5.92 -10.70
C VAL A 172 10.53 5.77 -10.18
N ALA A 173 9.58 5.52 -11.07
CA ALA A 173 8.22 5.19 -10.62
C ALA A 173 8.19 3.78 -10.05
N CYS A 174 7.69 3.63 -8.83
CA CYS A 174 7.69 2.34 -8.17
C CYS A 174 6.25 1.85 -7.99
N GLY A 175 5.92 1.28 -6.83
CA GLY A 175 4.60 0.70 -6.59
C GLY A 175 4.05 -0.17 -7.72
N SER A 176 2.73 -0.17 -7.87
CA SER A 176 2.08 -0.99 -8.90
C SER A 176 2.57 -0.67 -10.32
N TYR A 177 3.04 0.55 -10.55
CA TYR A 177 3.56 0.93 -11.87
C TYR A 177 4.76 0.06 -12.23
N ARG A 178 5.73 -0.02 -11.33
CA ARG A 178 6.93 -0.81 -11.60
C ARG A 178 6.62 -2.30 -11.64
N ARG A 179 5.59 -2.73 -10.94
CA ARG A 179 5.16 -4.12 -10.99
C ARG A 179 4.41 -4.44 -12.29
N GLY A 180 4.28 -3.44 -13.17
CA GLY A 180 3.72 -3.65 -14.50
C GLY A 180 2.20 -3.68 -14.60
N LYS A 181 1.49 -3.19 -13.59
CA LYS A 181 0.03 -3.27 -13.59
C LYS A 181 -0.58 -2.34 -14.65
N ALA A 182 -1.73 -2.74 -15.17
CA ALA A 182 -2.36 -1.98 -16.25
C ALA A 182 -2.91 -0.66 -15.71
N THR A 183 -3.30 -0.67 -14.45
CA THR A 183 -3.84 0.52 -13.79
C THR A 183 -3.14 0.74 -12.47
N CYS A 184 -3.15 1.98 -12.00
CA CYS A 184 -2.45 2.39 -10.78
C CYS A 184 -3.35 3.18 -9.85
N GLY A 185 -3.34 2.83 -8.56
CA GLY A 185 -4.09 3.57 -7.55
C GLY A 185 -3.59 4.98 -7.36
N ASP A 186 -2.27 5.13 -7.43
CA ASP A 186 -1.63 6.43 -7.35
C ASP A 186 -0.31 6.36 -8.09
N VAL A 187 0.53 7.38 -7.95
CA VAL A 187 1.87 7.32 -8.51
C VAL A 187 2.93 7.43 -7.40
N ASP A 188 3.79 6.42 -7.36
CA ASP A 188 4.86 6.30 -6.36
C ASP A 188 6.21 6.58 -7.03
N VAL A 189 6.87 7.67 -6.65
CA VAL A 189 8.12 8.04 -7.30
C VAL A 189 9.27 8.06 -6.30
N LEU A 190 10.31 7.28 -6.60
CA LEU A 190 11.53 7.29 -5.80
C LEU A 190 12.53 8.23 -6.44
N ILE A 191 13.17 9.08 -5.63
CA ILE A 191 14.22 9.96 -6.13
C ILE A 191 15.52 9.76 -5.33
N THR A 192 16.63 9.52 -6.03
CA THR A 192 17.94 9.49 -5.38
C THR A 192 18.99 10.14 -6.26
N HIS A 193 20.24 10.18 -5.80
CA HIS A 193 21.34 10.71 -6.61
C HIS A 193 22.57 9.84 -6.45
N PRO A 194 23.15 9.38 -7.58
CA PRO A 194 24.31 8.48 -7.57
C PRO A 194 25.55 9.05 -6.87
N ASP A 195 25.63 10.35 -6.65
CA ASP A 195 26.83 10.89 -6.00
C ASP A 195 26.77 10.70 -4.49
N GLY A 196 25.59 10.34 -3.99
CA GLY A 196 25.45 10.01 -2.59
C GLY A 196 25.17 11.17 -1.66
N ARG A 197 25.00 12.37 -2.21
CA ARG A 197 24.80 13.53 -1.35
C ARG A 197 23.84 14.60 -1.91
N SER A 198 23.67 14.64 -3.23
CA SER A 198 22.88 15.70 -3.84
C SER A 198 21.36 15.48 -3.70
N HIS A 199 20.97 14.45 -2.95
CA HIS A 199 19.57 14.23 -2.61
C HIS A 199 19.16 15.08 -1.42
N ARG A 200 20.13 15.55 -0.66
CA ARG A 200 19.84 16.23 0.59
C ARG A 200 19.10 17.53 0.39
N GLY A 201 18.01 17.70 1.14
CA GLY A 201 17.28 18.95 1.21
C GLY A 201 16.51 19.38 -0.02
N ILE A 202 16.35 18.49 -1.00
CA ILE A 202 15.75 18.89 -2.28
C ILE A 202 14.22 19.02 -2.28
N PHE A 203 13.55 18.53 -1.23
CA PHE A 203 12.09 18.55 -1.24
C PHE A 203 11.52 19.95 -1.43
N SER A 204 12.08 20.92 -0.72
CA SER A 204 11.64 22.31 -0.83
C SER A 204 11.69 22.80 -2.28
N ARG A 205 12.83 22.60 -2.93
CA ARG A 205 13.01 23.06 -4.30
C ARG A 205 12.10 22.30 -5.27
N LEU A 206 12.02 20.99 -5.12
CA LEU A 206 11.18 20.16 -5.98
C LEU A 206 9.70 20.50 -5.83
N LEU A 207 9.22 20.55 -4.59
CA LEU A 207 7.80 20.82 -4.37
C LEU A 207 7.45 22.24 -4.79
N ASP A 208 8.34 23.20 -4.53
CA ASP A 208 8.12 24.57 -4.98
C ASP A 208 7.97 24.62 -6.48
N SER A 209 8.80 23.85 -7.19
CA SER A 209 8.76 23.82 -8.64
C SER A 209 7.43 23.26 -9.14
N LEU A 210 7.01 22.14 -8.55
CA LEU A 210 5.75 21.50 -8.92
C LEU A 210 4.54 22.35 -8.57
N ARG A 211 4.70 23.21 -7.57
CA ARG A 211 3.64 24.13 -7.18
C ARG A 211 3.53 25.32 -8.14
N GLN A 212 4.66 25.76 -8.67
CA GLN A 212 4.71 26.93 -9.53
C GLN A 212 3.85 26.73 -10.78
N GLU A 213 3.84 25.51 -11.28
CA GLU A 213 3.08 25.18 -12.48
C GLU A 213 1.66 24.72 -12.15
N GLY A 214 1.31 24.73 -10.87
CA GLY A 214 -0.04 24.40 -10.45
C GLY A 214 -0.34 22.89 -10.43
N PHE A 215 0.70 22.09 -10.62
CA PHE A 215 0.58 20.64 -10.68
C PHE A 215 0.12 20.02 -9.36
N LEU A 216 0.77 20.39 -8.26
CA LEU A 216 0.31 19.94 -6.95
C LEU A 216 -0.92 20.75 -6.52
N THR A 217 -1.97 20.07 -6.08
CA THR A 217 -3.19 20.75 -5.66
C THR A 217 -3.46 20.72 -4.15
N ASP A 218 -2.91 19.74 -3.43
CA ASP A 218 -3.15 19.58 -1.99
C ASP A 218 -1.98 18.79 -1.41
N ASP A 219 -1.58 19.09 -0.16
CA ASP A 219 -0.57 18.30 0.52
C ASP A 219 -1.19 17.49 1.66
N LEU A 220 -0.83 16.21 1.76
CA LEU A 220 -1.36 15.39 2.85
C LEU A 220 -0.33 15.18 3.96
N VAL A 221 0.89 14.77 3.57
CA VAL A 221 1.99 14.54 4.49
C VAL A 221 3.23 15.14 3.86
N SER A 222 3.84 16.11 4.54
CA SER A 222 4.95 16.83 3.94
C SER A 222 5.64 17.68 5.01
N GLN A 223 6.60 17.09 5.70
CA GLN A 223 7.27 17.79 6.79
C GLN A 223 8.38 18.70 6.26
N GLU A 224 8.01 19.85 5.71
CA GLU A 224 8.99 20.64 4.97
C GLU A 224 9.85 21.53 5.88
N GLU A 225 9.54 21.54 7.17
CA GLU A 225 10.38 22.22 8.16
C GLU A 225 11.59 21.36 8.49
N ASN A 226 11.52 20.09 8.10
CA ASN A 226 12.57 19.12 8.38
C ASN A 226 13.47 18.94 7.17
N GLY A 227 14.75 19.28 7.32
CA GLY A 227 15.73 19.05 6.28
C GLY A 227 15.91 17.58 5.96
N GLN A 228 15.46 16.72 6.87
CA GLN A 228 15.59 15.29 6.67
C GLN A 228 14.27 14.63 6.25
N GLN A 229 13.34 15.44 5.74
CA GLN A 229 12.06 14.95 5.21
C GLN A 229 12.30 13.76 4.28
N GLN A 230 11.59 12.66 4.51
CA GLN A 230 11.78 11.48 3.69
C GLN A 230 10.71 11.34 2.60
N LYS A 231 9.49 11.76 2.90
CA LYS A 231 8.41 11.55 1.94
C LYS A 231 7.51 12.75 1.74
N TYR A 232 6.85 12.74 0.59
CA TYR A 232 5.78 13.66 0.31
C TYR A 232 4.59 12.83 -0.13
N LEU A 233 3.45 13.02 0.53
CA LEU A 233 2.20 12.42 0.05
C LEU A 233 1.24 13.57 -0.25
N GLY A 234 0.72 13.62 -1.46
CA GLY A 234 -0.13 14.74 -1.82
C GLY A 234 -1.03 14.42 -2.98
N VAL A 235 -1.50 15.48 -3.63
CA VAL A 235 -2.50 15.39 -4.69
C VAL A 235 -2.03 16.21 -5.86
N CYS A 236 -2.18 15.68 -7.06
CA CYS A 236 -1.81 16.41 -8.27
C CYS A 236 -2.90 16.27 -9.32
N ARG A 237 -2.81 17.09 -10.36
CA ARG A 237 -3.70 16.94 -11.52
C ARG A 237 -2.98 17.45 -12.75
N LEU A 238 -2.96 16.63 -13.80
CA LEU A 238 -2.34 17.03 -15.05
C LEU A 238 -3.18 18.11 -15.70
N PRO A 239 -2.58 18.90 -16.61
CA PRO A 239 -3.36 20.00 -17.18
C PRO A 239 -4.31 19.53 -18.27
N GLY A 240 -5.30 20.36 -18.60
CA GLY A 240 -6.23 20.08 -19.70
C GLY A 240 -7.55 19.47 -19.26
N PRO A 241 -8.46 19.28 -20.22
CA PRO A 241 -9.75 18.68 -19.88
C PRO A 241 -9.64 17.17 -19.63
N GLY A 242 -10.66 16.59 -19.02
CA GLY A 242 -10.69 15.16 -18.79
C GLY A 242 -9.72 14.63 -17.75
N ARG A 243 -9.22 15.51 -16.89
CA ARG A 243 -8.29 15.07 -15.85
C ARG A 243 -8.94 15.00 -14.47
N ARG A 244 -8.60 13.95 -13.73
CA ARG A 244 -9.00 13.82 -12.34
C ARG A 244 -7.83 14.14 -11.40
N HIS A 245 -8.13 14.40 -10.15
CA HIS A 245 -7.08 14.51 -9.13
C HIS A 245 -6.53 13.12 -8.83
N ARG A 246 -5.20 13.03 -8.79
CA ARG A 246 -4.50 11.78 -8.52
C ARG A 246 -3.60 11.92 -7.29
N ARG A 247 -3.50 10.84 -6.52
CA ARG A 247 -2.61 10.80 -5.37
C ARG A 247 -1.18 10.61 -5.86
N LEU A 248 -0.26 11.35 -5.24
CA LEU A 248 1.14 11.31 -5.60
C LEU A 248 1.98 11.09 -4.32
N ASP A 249 2.88 10.11 -4.37
CA ASP A 249 3.76 9.77 -3.26
C ASP A 249 5.19 9.81 -3.75
N ILE A 250 6.00 10.65 -3.12
CA ILE A 250 7.40 10.79 -3.48
C ILE A 250 8.26 10.47 -2.28
N ILE A 251 9.31 9.68 -2.48
CA ILE A 251 10.31 9.52 -1.43
C ILE A 251 11.68 9.90 -1.99
N VAL A 252 12.47 10.56 -1.16
CA VAL A 252 13.84 10.96 -1.52
C VAL A 252 14.79 10.22 -0.59
N VAL A 253 15.70 9.45 -1.17
CA VAL A 253 16.57 8.58 -0.37
C VAL A 253 18.04 8.71 -0.74
N PRO A 254 18.93 8.50 0.25
CA PRO A 254 20.37 8.46 -0.07
C PRO A 254 20.73 7.25 -0.95
N TYR A 255 21.68 7.44 -1.85
CA TYR A 255 22.05 6.37 -2.77
C TYR A 255 22.44 5.07 -2.07
N SER A 256 23.01 5.16 -0.86
CA SER A 256 23.44 3.95 -0.17
C SER A 256 22.25 3.06 0.18
N GLU A 257 21.05 3.65 0.20
CA GLU A 257 19.85 2.91 0.57
C GLU A 257 18.95 2.61 -0.62
N PHE A 258 19.45 2.91 -1.82
CA PHE A 258 18.68 2.78 -3.07
C PHE A 258 18.00 1.41 -3.24
N ALA A 259 18.76 0.32 -3.17
CA ALA A 259 18.18 -1.00 -3.37
C ALA A 259 17.07 -1.31 -2.38
N CYS A 260 17.32 -1.03 -1.10
CA CYS A 260 16.29 -1.30 -0.10
C CYS A 260 15.08 -0.37 -0.24
N ALA A 261 15.32 0.88 -0.60
CA ALA A 261 14.21 1.82 -0.82
C ALA A 261 13.40 1.42 -2.05
N LEU A 262 14.10 1.01 -3.09
CA LEU A 262 13.48 0.59 -4.33
C LEU A 262 12.66 -0.67 -4.09
N LEU A 263 13.24 -1.65 -3.39
CA LEU A 263 12.54 -2.88 -3.08
C LEU A 263 11.27 -2.60 -2.26
N TYR A 264 11.43 -1.80 -1.22
CA TYR A 264 10.28 -1.41 -0.41
C TYR A 264 9.18 -0.71 -1.21
N PHE A 265 9.56 0.32 -1.95
CA PHE A 265 8.56 1.18 -2.59
C PHE A 265 7.92 0.46 -3.78
N THR A 266 8.60 -0.57 -4.30
CA THR A 266 8.01 -1.37 -5.36
C THR A 266 6.98 -2.35 -4.79
N GLY A 267 7.24 -2.89 -3.60
CA GLY A 267 6.31 -3.83 -3.00
C GLY A 267 6.10 -5.11 -3.79
N SER A 268 4.90 -5.70 -3.77
CA SER A 268 3.71 -5.18 -3.09
C SER A 268 3.83 -5.10 -1.55
N ALA A 269 2.81 -4.57 -0.89
CA ALA A 269 2.84 -4.43 0.56
C ALA A 269 2.93 -5.82 1.19
N HIS A 270 2.10 -6.73 0.67
CA HIS A 270 2.08 -8.13 1.09
C HIS A 270 3.46 -8.74 0.88
N PHE A 271 4.04 -8.53 -0.29
CA PHE A 271 5.38 -9.03 -0.58
C PHE A 271 6.43 -8.49 0.41
N ASN A 272 6.35 -7.20 0.74
CA ASN A 272 7.27 -6.63 1.72
C ASN A 272 7.15 -7.32 3.07
N ARG A 273 5.93 -7.59 3.50
CA ARG A 273 5.71 -8.20 4.81
C ARG A 273 6.31 -9.60 4.84
N SER A 274 6.10 -10.33 3.74
CA SER A 274 6.61 -11.69 3.62
C SER A 274 8.13 -11.72 3.66
N MET A 275 8.74 -10.82 2.93
CA MET A 275 10.20 -10.74 2.87
C MET A 275 10.80 -10.35 4.21
N ARG A 276 10.15 -9.41 4.90
CA ARG A 276 10.65 -8.99 6.20
C ARG A 276 10.45 -10.11 7.23
N ALA A 277 9.35 -10.83 7.13
CA ALA A 277 9.12 -12.00 7.97
C ALA A 277 10.24 -13.00 7.77
N LEU A 278 10.60 -13.23 6.52
CA LEU A 278 11.65 -14.19 6.19
C LEU A 278 13.00 -13.74 6.72
N ALA A 279 13.28 -12.44 6.62
CA ALA A 279 14.54 -11.93 7.13
C ALA A 279 14.68 -12.21 8.63
N LYS A 280 13.58 -12.11 9.36
CA LYS A 280 13.61 -12.38 10.81
C LYS A 280 14.04 -13.80 11.11
N THR A 281 13.54 -14.74 10.31
CA THR A 281 13.85 -16.15 10.51
C THR A 281 15.32 -16.47 10.24
N LYS A 282 16.02 -15.55 9.58
CA LYS A 282 17.41 -15.78 9.23
C LYS A 282 18.33 -14.89 10.08
N GLY A 283 17.80 -14.46 11.22
CA GLY A 283 18.52 -13.59 12.14
C GLY A 283 18.81 -12.21 11.57
N MET A 284 17.93 -11.73 10.69
CA MET A 284 18.15 -10.46 10.04
C MET A 284 16.94 -9.53 10.15
N SER A 285 17.09 -8.31 9.63
CA SER A 285 15.99 -7.35 9.64
C SER A 285 16.05 -6.55 8.36
N LEU A 286 14.91 -6.48 7.67
CA LEU A 286 14.85 -5.79 6.39
C LEU A 286 13.93 -4.58 6.51
N SER A 287 14.43 -3.43 6.11
CA SER A 287 13.62 -2.21 6.10
C SER A 287 13.87 -1.45 4.80
N GLU A 288 13.12 -0.36 4.61
CA GLU A 288 13.36 0.53 3.48
C GLU A 288 14.72 1.24 3.53
N HIS A 289 15.41 1.16 4.66
CA HIS A 289 16.73 1.75 4.80
C HIS A 289 17.85 0.77 4.50
N ALA A 290 17.68 -0.48 4.92
CA ALA A 290 18.80 -1.44 4.89
C ALA A 290 18.38 -2.84 5.27
N LEU A 291 19.19 -3.80 4.83
CA LEU A 291 19.15 -5.16 5.32
C LEU A 291 20.24 -5.29 6.40
N SER A 292 19.86 -5.77 7.59
CA SER A 292 20.81 -5.86 8.70
C SER A 292 20.82 -7.26 9.26
N THR A 293 21.86 -7.60 10.03
CA THR A 293 21.72 -8.72 10.95
C THR A 293 20.95 -8.21 12.18
N ALA A 294 20.39 -9.14 12.95
CA ALA A 294 19.43 -8.78 14.00
C ALA A 294 20.10 -8.39 15.31
N VAL A 295 19.27 -7.92 16.24
CA VAL A 295 19.71 -7.48 17.56
C VAL A 295 18.98 -8.26 18.66
N PRO A 306 22.60 -1.00 17.05
CA PRO A 306 21.77 -2.21 16.89
C PRO A 306 22.52 -3.36 16.22
N GLY A 307 22.14 -3.68 14.99
CA GLY A 307 22.79 -4.76 14.25
C GLY A 307 23.85 -4.24 13.31
N ARG A 308 24.16 -5.03 12.29
CA ARG A 308 25.17 -4.67 11.31
C ARG A 308 24.53 -4.56 9.92
N VAL A 309 24.65 -3.40 9.27
CA VAL A 309 24.08 -3.22 7.94
C VAL A 309 24.88 -4.01 6.89
N LEU A 310 24.17 -4.74 6.03
CA LEU A 310 24.81 -5.49 4.95
C LEU A 310 24.85 -4.69 3.66
N PRO A 311 25.89 -4.87 2.85
CA PRO A 311 26.03 -4.16 1.57
C PRO A 311 25.01 -4.65 0.56
N THR A 312 24.14 -3.75 0.09
CA THR A 312 23.13 -4.14 -0.89
C THR A 312 23.05 -3.13 -2.02
N PRO A 313 24.03 -3.17 -2.95
CA PRO A 313 24.07 -2.21 -4.06
C PRO A 313 22.87 -2.34 -5.00
N THR A 314 22.30 -3.53 -5.10
CA THR A 314 21.15 -3.77 -5.97
C THR A 314 20.11 -4.64 -5.29
N GLU A 315 18.86 -4.60 -5.79
CA GLU A 315 17.83 -5.48 -5.27
C GLU A 315 18.26 -6.94 -5.26
N LYS A 316 18.99 -7.35 -6.30
CA LYS A 316 19.43 -8.73 -6.42
C LYS A 316 20.26 -9.17 -5.20
N ASP A 317 21.02 -8.24 -4.64
CA ASP A 317 21.83 -8.53 -3.46
C ASP A 317 20.96 -8.79 -2.23
N VAL A 318 19.82 -8.10 -2.15
CA VAL A 318 18.91 -8.34 -1.03
C VAL A 318 18.37 -9.75 -1.10
N PHE A 319 17.92 -10.17 -2.27
CA PHE A 319 17.39 -11.52 -2.42
C PHE A 319 18.49 -12.53 -2.06
N ARG A 320 19.67 -12.27 -2.60
CA ARG A 320 20.80 -13.20 -2.45
C ARG A 320 21.18 -13.41 -0.98
N LEU A 321 21.24 -12.31 -0.23
CA LEU A 321 21.62 -12.37 1.17
C LEU A 321 20.56 -13.07 2.04
N LEU A 322 19.33 -13.09 1.54
CA LEU A 322 18.24 -13.81 2.21
C LEU A 322 18.09 -15.24 1.70
N GLY A 323 18.99 -15.66 0.82
CA GLY A 323 18.94 -17.01 0.28
C GLY A 323 17.81 -17.22 -0.70
N LEU A 324 17.43 -16.15 -1.41
CA LEU A 324 16.31 -16.20 -2.33
C LEU A 324 16.74 -15.97 -3.76
N PRO A 325 16.07 -16.66 -4.70
CA PRO A 325 16.24 -16.34 -6.12
C PRO A 325 15.61 -14.99 -6.40
N TYR A 326 16.20 -14.22 -7.32
CA TYR A 326 15.68 -12.89 -7.62
C TYR A 326 14.29 -12.98 -8.24
N ARG A 327 13.43 -12.05 -7.86
CA ARG A 327 12.13 -11.94 -8.50
C ARG A 327 12.00 -10.59 -9.16
N GLU A 328 11.58 -10.61 -10.42
CA GLU A 328 11.29 -9.40 -11.15
C GLU A 328 10.13 -8.69 -10.47
N PRO A 329 10.03 -7.37 -10.61
CA PRO A 329 8.92 -6.63 -9.97
C PRO A 329 7.55 -7.23 -10.28
N ALA A 330 7.30 -7.63 -11.53
CA ALA A 330 6.01 -8.20 -11.89
C ALA A 330 5.71 -9.49 -11.13
N GLU A 331 6.76 -10.13 -10.63
CA GLU A 331 6.60 -11.35 -9.87
C GLU A 331 6.50 -11.09 -8.36
N ARG A 332 6.30 -9.83 -7.99
CA ARG A 332 6.17 -9.45 -6.58
C ARG A 332 4.79 -8.86 -6.29
N ASP A 333 3.86 -9.12 -7.22
CA ASP A 333 2.54 -8.52 -7.17
C ASP A 333 1.60 -9.37 -6.32
N TRP A 334 1.99 -9.57 -5.06
CA TRP A 334 1.21 -10.35 -4.13
C TRP A 334 0.18 -9.47 -3.41
#